data_9H09
#
_entry.id   9H09
#
_cell.length_a   59.957
_cell.length_b   59.957
_cell.length_c   231.818
_cell.angle_alpha   90.00
_cell.angle_beta   90.00
_cell.angle_gamma   90.00
#
_symmetry.space_group_name_H-M   'P 43 21 2'
#
loop_
_entity.id
_entity.type
_entity.pdbx_description
1 polymer 'Methyltransferase domain-containing protein'
2 non-polymer SINEFUNGIN
3 non-polymer '2,4,6-trimethylbenzenesulfonic acid'
4 water water
#
_entity_poly.entity_id   1
_entity_poly.type   'polypeptide(L)'
_entity_poly.pdbx_seq_one_letter_code
;GSGSDQSPKPLATRDEKITYLRKIIGDKGSDAWDVAWQEGVTPWDQGKIQPPLRDFIESNDGKALVNKKSDNARVLVPGC
GKGYDAAYFASLGYETLGADLSSTAIEKAKEFWAESPELKSGKLSFQTLDFFKFEVPEAKYDLVYDYTFFCALPPDLRAP
WGARMRELVRPGGTLITLVYPIDGARSGGPPYSIDVQKVTDALQGSEEGSAEPGKYWTKVLDIVPQTSSPDHVGRERLVV
WERINKPLQDKL
;
_entity_poly.pdbx_strand_id   A
#
loop_
_chem_comp.id
_chem_comp.type
_chem_comp.name
_chem_comp.formula
A1IRH non-polymer '2,4,6-trimethylbenzenesulfonic acid' 'C9 H12 O3 S'
SFG non-polymer SINEFUNGIN 'C15 H23 N7 O5'
#
# COMPACT_ATOMS: atom_id res chain seq x y z
N ALA A 12 -10.61 19.29 -14.86
CA ALA A 12 -9.76 18.45 -15.70
C ALA A 12 -8.31 18.54 -15.28
N THR A 13 -7.93 19.72 -14.78
CA THR A 13 -6.57 19.92 -14.28
C THR A 13 -6.35 19.05 -13.04
N ARG A 14 -5.14 18.49 -12.94
CA ARG A 14 -4.81 17.64 -11.80
C ARG A 14 -5.06 18.37 -10.48
N ASP A 15 -4.66 19.64 -10.39
CA ASP A 15 -4.91 20.41 -9.17
C ASP A 15 -6.39 20.55 -8.89
N GLU A 16 -7.21 20.64 -9.94
CA GLU A 16 -8.65 20.67 -9.74
C GLU A 16 -9.16 19.33 -9.22
N LYS A 17 -8.64 18.22 -9.77
CA LYS A 17 -9.07 16.90 -9.34
C LYS A 17 -8.68 16.64 -7.89
N ILE A 18 -7.52 17.14 -7.47
CA ILE A 18 -7.13 17.01 -6.06
C ILE A 18 -8.03 17.86 -5.18
N THR A 19 -8.33 19.09 -5.61
CA THR A 19 -9.20 19.96 -4.83
C THR A 19 -10.59 19.38 -4.71
N TYR A 20 -11.14 18.85 -5.81
CA TYR A 20 -12.45 18.22 -5.75
C TYR A 20 -12.43 16.97 -4.89
N LEU A 21 -11.35 16.18 -4.99
CA LEU A 21 -11.21 15.00 -4.15
C LEU A 21 -11.23 15.38 -2.67
N ARG A 22 -10.40 16.35 -2.29
CA ARG A 22 -10.37 16.80 -0.90
C ARG A 22 -11.69 17.39 -0.44
N LYS A 23 -12.57 17.76 -1.37
CA LYS A 23 -13.87 18.29 -1.00
C LYS A 23 -14.83 17.18 -0.60
N ILE A 24 -14.79 16.04 -1.31
CA ILE A 24 -15.68 14.93 -0.96
C ILE A 24 -15.22 14.29 0.35
N ILE A 25 -13.90 14.16 0.55
CA ILE A 25 -13.39 13.57 1.78
C ILE A 25 -13.80 14.40 2.99
N GLY A 26 -13.94 15.70 2.81
CA GLY A 26 -14.43 16.53 3.90
C GLY A 26 -15.92 16.42 4.13
N ASP A 27 -16.67 16.14 3.07
CA ASP A 27 -18.13 16.04 3.17
C ASP A 27 -18.61 14.60 3.40
N LYS A 28 -18.03 13.63 2.70
CA LYS A 28 -18.47 12.24 2.80
C LYS A 28 -17.52 11.35 3.60
N GLY A 29 -16.29 11.78 3.82
CA GLY A 29 -15.38 10.99 4.66
C GLY A 29 -14.82 9.81 3.90
N SER A 30 -14.89 8.63 4.53
CA SER A 30 -14.31 7.44 3.92
C SER A 30 -15.12 6.99 2.70
N ASP A 31 -16.43 7.24 2.70
CA ASP A 31 -17.27 6.86 1.56
C ASP A 31 -16.96 7.69 0.31
N ALA A 32 -16.14 8.73 0.42
CA ALA A 32 -15.77 9.56 -0.72
C ALA A 32 -14.85 8.83 -1.70
N TRP A 33 -14.27 7.70 -1.31
CA TRP A 33 -13.32 7.02 -2.18
C TRP A 33 -14.01 6.27 -3.31
N ASP A 34 -15.09 5.55 -2.99
CA ASP A 34 -15.87 4.90 -4.06
C ASP A 34 -16.55 5.93 -4.95
N VAL A 35 -16.87 7.11 -4.41
CA VAL A 35 -17.44 8.17 -5.21
C VAL A 35 -16.42 8.67 -6.23
N ALA A 36 -15.17 8.88 -5.79
CA ALA A 36 -14.14 9.37 -6.70
C ALA A 36 -13.75 8.33 -7.73
N TRP A 37 -13.85 7.05 -7.40
CA TRP A 37 -13.47 6.00 -8.34
C TRP A 37 -14.47 5.89 -9.48
N GLN A 38 -15.77 5.88 -9.15
CA GLN A 38 -16.78 5.79 -10.20
C GLN A 38 -16.95 7.10 -10.96
N GLU A 39 -16.57 8.23 -10.36
CA GLU A 39 -16.62 9.51 -11.04
C GLU A 39 -15.41 9.75 -11.93
N GLY A 40 -14.40 8.87 -11.89
CA GLY A 40 -13.21 9.02 -12.70
C GLY A 40 -12.14 9.91 -12.10
N VAL A 41 -12.39 10.53 -10.95
CA VAL A 41 -11.41 11.41 -10.32
C VAL A 41 -10.38 10.57 -9.57
N THR A 42 -9.42 10.00 -10.31
CA THR A 42 -8.37 9.16 -9.74
C THR A 42 -7.01 9.72 -10.15
N PRO A 43 -6.59 10.84 -9.56
CA PRO A 43 -5.31 11.45 -9.96
C PRO A 43 -4.09 10.65 -9.52
N TRP A 44 -4.27 9.59 -8.72
CA TRP A 44 -3.17 8.81 -8.22
C TRP A 44 -2.77 7.65 -9.13
N ASP A 45 -3.70 7.21 -9.99
CA ASP A 45 -3.47 6.01 -10.79
C ASP A 45 -2.33 6.25 -11.79
N GLN A 46 -1.26 5.48 -11.65
CA GLN A 46 -0.12 5.56 -12.55
C GLN A 46 -0.06 4.40 -13.54
N GLY A 47 -0.98 3.43 -13.43
CA GLY A 47 -1.04 2.32 -14.36
C GLY A 47 -0.02 1.23 -14.16
N LYS A 48 0.98 1.44 -13.31
CA LYS A 48 2.04 0.45 -13.12
C LYS A 48 2.55 0.53 -11.69
N ILE A 49 3.29 -0.51 -11.30
CA ILE A 49 3.94 -0.49 -9.99
C ILE A 49 5.05 0.56 -9.98
N GLN A 50 5.42 0.99 -8.78
CA GLN A 50 6.53 1.93 -8.70
C GLN A 50 7.85 1.18 -8.88
N PRO A 51 8.80 1.78 -9.60
CA PRO A 51 10.09 1.11 -9.87
C PRO A 51 10.79 0.64 -8.60
N PRO A 52 10.80 1.44 -7.50
CA PRO A 52 11.51 0.97 -6.29
C PRO A 52 11.06 -0.39 -5.78
N LEU A 53 9.79 -0.74 -5.96
CA LEU A 53 9.31 -2.04 -5.48
C LEU A 53 9.95 -3.19 -6.26
N ARG A 54 10.05 -3.04 -7.58
CA ARG A 54 10.66 -4.09 -8.40
C ARG A 54 12.16 -4.22 -8.13
N ASP A 55 12.85 -3.08 -8.00
CA ASP A 55 14.29 -3.11 -7.81
C ASP A 55 14.66 -3.72 -6.46
N PHE A 56 13.87 -3.46 -5.43
CA PHE A 56 14.13 -4.07 -4.13
C PHE A 56 13.94 -5.57 -4.18
N ILE A 57 12.84 -6.03 -4.78
CA ILE A 57 12.57 -7.46 -4.87
C ILE A 57 13.66 -8.14 -5.69
N GLU A 58 14.04 -7.54 -6.82
CA GLU A 58 15.08 -8.10 -7.66
C GLU A 58 16.48 -7.92 -7.10
N SER A 59 16.64 -7.12 -6.05
CA SER A 59 17.92 -6.99 -5.37
C SER A 59 18.14 -8.19 -4.44
N ASN A 60 19.34 -8.29 -3.86
CA ASN A 60 19.60 -9.40 -2.95
C ASN A 60 19.01 -9.18 -1.57
N ASP A 61 18.90 -7.93 -1.13
CA ASP A 61 18.21 -7.66 0.12
C ASP A 61 16.75 -8.10 0.02
N GLY A 62 16.17 -8.01 -1.17
CA GLY A 62 14.81 -8.48 -1.40
C GLY A 62 14.75 -9.95 -1.76
N LYS A 63 15.78 -10.44 -2.46
CA LYS A 63 15.87 -11.87 -2.77
C LYS A 63 15.75 -12.70 -1.51
N ALA A 64 16.40 -12.28 -0.42
CA ALA A 64 16.37 -13.02 0.83
C ALA A 64 14.94 -13.23 1.32
N LEU A 65 14.02 -12.31 0.99
CA LEU A 65 12.64 -12.49 1.36
C LEU A 65 11.90 -13.39 0.37
N VAL A 66 12.24 -13.31 -0.91
CA VAL A 66 11.53 -14.11 -1.91
C VAL A 66 11.99 -15.57 -1.87
N ASN A 67 13.22 -15.82 -1.43
CA ASN A 67 13.66 -17.21 -1.28
C ASN A 67 13.24 -17.80 0.06
N LYS A 68 13.08 -16.95 1.08
CA LYS A 68 12.50 -17.40 2.35
C LYS A 68 11.02 -17.72 2.20
N LYS A 69 10.37 -17.19 1.16
CA LYS A 69 8.95 -17.39 0.91
C LYS A 69 8.57 -18.86 1.01
N SER A 70 7.67 -19.16 1.94
CA SER A 70 7.14 -20.50 2.08
C SER A 70 6.13 -20.79 0.97
N ASP A 71 5.67 -22.04 0.91
CA ASP A 71 4.67 -22.43 -0.07
C ASP A 71 3.28 -21.91 0.27
N ASN A 72 3.13 -21.14 1.35
CA ASN A 72 1.85 -20.55 1.70
C ASN A 72 1.99 -19.07 2.07
N ALA A 73 3.05 -18.40 1.58
CA ALA A 73 3.27 -17.00 1.93
C ALA A 73 2.13 -16.13 1.41
N ARG A 74 1.50 -15.39 2.31
CA ARG A 74 0.35 -14.56 1.98
C ARG A 74 0.76 -13.08 2.02
N VAL A 75 0.32 -12.34 1.01
CA VAL A 75 0.66 -10.93 0.86
C VAL A 75 -0.64 -10.13 0.83
N LEU A 76 -0.69 -9.07 1.62
CA LEU A 76 -1.83 -8.15 1.62
C LEU A 76 -1.38 -6.79 1.11
N VAL A 77 -2.14 -6.22 0.20
CA VAL A 77 -1.86 -4.88 -0.33
C VAL A 77 -3.04 -3.98 0.00
N PRO A 78 -3.02 -3.29 1.15
CA PRO A 78 -4.14 -2.41 1.49
C PRO A 78 -4.17 -1.17 0.62
N GLY A 79 -5.37 -0.74 0.26
CA GLY A 79 -5.54 0.37 -0.66
C GLY A 79 -4.88 0.08 -1.99
N CYS A 80 -5.18 -1.09 -2.56
CA CYS A 80 -4.52 -1.53 -3.78
C CYS A 80 -4.90 -0.70 -4.99
N GLY A 81 -6.02 0.01 -4.95
CA GLY A 81 -6.52 0.71 -6.12
C GLY A 81 -6.85 -0.24 -7.26
N LYS A 82 -6.19 -0.08 -8.39
CA LYS A 82 -6.32 -1.03 -9.49
C LYS A 82 -5.39 -2.22 -9.34
N GLY A 83 -4.69 -2.34 -8.22
CA GLY A 83 -3.98 -3.55 -7.87
C GLY A 83 -2.71 -3.84 -8.66
N TYR A 84 -1.95 -2.80 -8.99
CA TYR A 84 -0.69 -3.03 -9.70
C TYR A 84 0.32 -3.75 -8.82
N ASP A 85 0.53 -3.24 -7.60
CA ASP A 85 1.48 -3.88 -6.69
C ASP A 85 1.01 -5.26 -6.29
N ALA A 86 -0.30 -5.44 -6.12
CA ALA A 86 -0.83 -6.76 -5.76
C ALA A 86 -0.60 -7.77 -6.88
N ALA A 87 -0.78 -7.34 -8.13
CA ALA A 87 -0.53 -8.24 -9.26
C ALA A 87 0.95 -8.58 -9.37
N TYR A 88 1.83 -7.67 -8.95
CA TYR A 88 3.27 -7.95 -8.99
C TYR A 88 3.64 -9.04 -8.01
N PHE A 89 3.14 -8.95 -6.77
CA PHE A 89 3.46 -9.95 -5.77
C PHE A 89 2.87 -11.31 -6.13
N ALA A 90 1.72 -11.34 -6.82
CA ALA A 90 1.16 -12.60 -7.28
C ALA A 90 2.02 -13.22 -8.36
N SER A 91 2.62 -12.39 -9.22
CA SER A 91 3.50 -12.89 -10.26
C SER A 91 4.78 -13.50 -9.69
N LEU A 92 5.15 -13.15 -8.46
CA LEU A 92 6.31 -13.73 -7.80
C LEU A 92 5.99 -15.07 -7.13
N GLY A 93 4.74 -15.52 -7.16
CA GLY A 93 4.35 -16.76 -6.53
C GLY A 93 3.66 -16.63 -5.19
N TYR A 94 3.35 -15.41 -4.76
CA TYR A 94 2.70 -15.18 -3.48
C TYR A 94 1.19 -15.23 -3.63
N GLU A 95 0.53 -15.86 -2.66
CA GLU A 95 -0.93 -15.77 -2.55
C GLU A 95 -1.27 -14.36 -2.09
N THR A 96 -1.55 -13.47 -3.04
CA THR A 96 -1.68 -12.05 -2.78
C THR A 96 -3.15 -11.65 -2.74
N LEU A 97 -3.48 -10.74 -1.82
CA LEU A 97 -4.83 -10.20 -1.70
C LEU A 97 -4.76 -8.69 -1.85
N GLY A 98 -5.48 -8.16 -2.85
CA GLY A 98 -5.63 -6.74 -3.02
C GLY A 98 -6.95 -6.29 -2.40
N ALA A 99 -6.86 -5.34 -1.46
CA ALA A 99 -8.01 -4.85 -0.72
C ALA A 99 -8.16 -3.36 -0.91
N ASP A 100 -9.38 -2.92 -1.21
CA ASP A 100 -9.68 -1.51 -1.36
C ASP A 100 -11.09 -1.23 -0.84
N LEU A 101 -11.27 -0.04 -0.29
CA LEU A 101 -12.58 0.34 0.24
C LEU A 101 -13.61 0.50 -0.87
N SER A 102 -13.18 0.88 -2.06
CA SER A 102 -14.08 1.14 -3.18
C SER A 102 -14.37 -0.16 -3.94
N SER A 103 -15.66 -0.49 -4.07
CA SER A 103 -16.04 -1.62 -4.90
C SER A 103 -15.80 -1.34 -6.37
N THR A 104 -15.87 -0.07 -6.77
CA THR A 104 -15.51 0.29 -8.14
C THR A 104 -14.06 -0.04 -8.42
N ALA A 105 -13.15 0.37 -7.54
CA ALA A 105 -11.73 0.10 -7.73
C ALA A 105 -11.46 -1.40 -7.82
N ILE A 106 -12.12 -2.19 -6.98
CA ILE A 106 -11.94 -3.64 -7.03
C ILE A 106 -12.47 -4.19 -8.34
N GLU A 107 -13.60 -3.67 -8.82
CA GLU A 107 -14.09 -4.06 -10.14
C GLU A 107 -13.15 -3.57 -11.24
N LYS A 108 -12.56 -2.38 -11.06
CA LYS A 108 -11.61 -1.87 -12.04
C LYS A 108 -10.34 -2.72 -12.06
N ALA A 109 -9.89 -3.17 -10.90
CA ALA A 109 -8.70 -4.01 -10.84
C ALA A 109 -8.96 -5.37 -11.49
N LYS A 110 -10.17 -5.90 -11.31
CA LYS A 110 -10.48 -7.20 -11.89
C LYS A 110 -10.55 -7.15 -13.42
N GLU A 111 -10.91 -5.99 -13.98
CA GLU A 111 -10.86 -5.84 -15.43
C GLU A 111 -9.44 -5.61 -15.92
N PHE A 112 -8.68 -4.76 -15.22
CA PHE A 112 -7.31 -4.46 -15.62
C PHE A 112 -6.46 -5.73 -15.64
N TRP A 113 -6.65 -6.62 -14.67
CA TRP A 113 -5.88 -7.85 -14.56
C TRP A 113 -6.70 -9.08 -14.93
N ALA A 114 -7.71 -8.91 -15.78
CA ALA A 114 -8.59 -10.02 -16.13
C ALA A 114 -7.83 -11.14 -16.81
N GLU A 115 -6.84 -10.82 -17.61
CA GLU A 115 -6.04 -11.81 -18.33
C GLU A 115 -4.84 -12.29 -17.53
N SER A 116 -4.70 -11.87 -16.27
CA SER A 116 -3.60 -12.33 -15.46
C SER A 116 -3.76 -13.81 -15.12
N PRO A 117 -2.73 -14.63 -15.30
CA PRO A 117 -2.85 -16.04 -14.91
C PRO A 117 -3.09 -16.23 -13.42
N GLU A 118 -2.61 -15.29 -12.59
CA GLU A 118 -2.78 -15.41 -11.15
C GLU A 118 -4.20 -15.09 -10.71
N LEU A 119 -4.90 -14.20 -11.41
CA LEU A 119 -6.31 -13.97 -11.10
C LEU A 119 -7.14 -15.21 -11.41
N LYS A 120 -6.84 -15.88 -12.51
CA LYS A 120 -7.55 -17.11 -12.84
C LYS A 120 -7.18 -18.24 -11.89
N SER A 121 -5.88 -18.37 -11.59
CA SER A 121 -5.44 -19.45 -10.71
C SER A 121 -5.89 -19.25 -9.28
N GLY A 122 -6.08 -18.00 -8.85
CA GLY A 122 -6.44 -17.69 -7.49
C GLY A 122 -5.31 -17.13 -6.64
N LYS A 123 -4.08 -17.14 -7.16
CA LYS A 123 -2.97 -16.53 -6.43
C LYS A 123 -3.24 -15.05 -6.18
N LEU A 124 -3.84 -14.37 -7.14
CA LEU A 124 -4.22 -12.97 -7.01
C LEU A 124 -5.71 -12.89 -6.71
N SER A 125 -6.07 -12.04 -5.74
CA SER A 125 -7.45 -11.89 -5.32
C SER A 125 -7.74 -10.43 -4.99
N PHE A 126 -8.85 -9.92 -5.51
CA PHE A 126 -9.28 -8.55 -5.28
C PHE A 126 -10.61 -8.57 -4.55
N GLN A 127 -10.65 -7.96 -3.36
CA GLN A 127 -11.85 -7.94 -2.54
C GLN A 127 -12.08 -6.55 -1.99
N THR A 128 -13.34 -6.14 -1.98
CA THR A 128 -13.73 -4.85 -1.39
C THR A 128 -13.76 -5.02 0.12
N LEU A 129 -12.67 -4.65 0.78
CA LEU A 129 -12.55 -4.78 2.23
C LEU A 129 -12.16 -3.44 2.84
N ASP A 130 -12.48 -3.29 4.12
CA ASP A 130 -12.08 -2.14 4.91
C ASP A 130 -10.86 -2.52 5.72
N PHE A 131 -9.74 -1.83 5.46
CA PHE A 131 -8.49 -2.13 6.16
C PHE A 131 -8.65 -2.12 7.66
N PHE A 132 -9.50 -1.25 8.18
CA PHE A 132 -9.72 -1.12 9.61
C PHE A 132 -10.75 -2.10 10.15
N LYS A 133 -11.51 -2.78 9.29
CA LYS A 133 -12.67 -3.54 9.74
C LYS A 133 -12.61 -5.02 9.41
N PHE A 134 -11.96 -5.44 8.33
CA PHE A 134 -12.03 -6.82 7.91
C PHE A 134 -11.30 -7.73 8.89
N GLU A 135 -11.76 -8.98 8.96
CA GLU A 135 -11.25 -9.92 9.95
C GLU A 135 -9.86 -10.40 9.55
N VAL A 136 -8.91 -10.23 10.46
CA VAL A 136 -7.54 -10.68 10.20
C VAL A 136 -7.52 -12.20 10.12
N PRO A 137 -6.98 -12.79 9.06
CA PRO A 137 -6.89 -14.26 8.99
C PRO A 137 -6.04 -14.80 10.13
N GLU A 138 -6.32 -16.04 10.52
CA GLU A 138 -5.63 -16.63 11.66
C GLU A 138 -4.13 -16.71 11.44
N ALA A 139 -3.71 -17.14 10.25
CA ALA A 139 -2.29 -17.22 9.92
C ALA A 139 -1.66 -15.86 9.67
N LYS A 140 -2.45 -14.79 9.68
CA LYS A 140 -1.97 -13.43 9.41
C LYS A 140 -1.31 -13.35 8.04
N TYR A 141 -0.48 -12.34 7.83
CA TYR A 141 0.15 -12.11 6.53
C TYR A 141 1.66 -12.08 6.68
N ASP A 142 2.36 -12.81 5.82
CA ASP A 142 3.81 -12.83 5.86
C ASP A 142 4.40 -11.52 5.35
N LEU A 143 3.73 -10.87 4.40
CA LEU A 143 4.22 -9.62 3.84
C LEU A 143 3.05 -8.68 3.58
N VAL A 144 3.26 -7.39 3.85
CA VAL A 144 2.28 -6.34 3.57
C VAL A 144 3.02 -5.19 2.89
N TYR A 145 2.40 -4.65 1.84
CA TYR A 145 2.98 -3.54 1.08
C TYR A 145 2.04 -2.35 1.16
N ASP A 146 2.55 -1.22 1.64
CA ASP A 146 1.78 0.01 1.78
C ASP A 146 2.38 1.07 0.88
N TYR A 147 1.67 1.41 -0.19
CA TYR A 147 2.04 2.53 -1.05
C TYR A 147 0.78 3.36 -1.34
N THR A 148 0.90 4.67 -1.21
CA THR A 148 -0.21 5.61 -1.42
C THR A 148 -1.46 5.18 -0.66
N PHE A 149 -1.25 4.59 0.52
CA PHE A 149 -2.34 4.29 1.43
C PHE A 149 -2.18 5.01 2.77
N PHE A 150 -0.99 4.93 3.37
CA PHE A 150 -0.74 5.69 4.59
C PHE A 150 -0.83 7.19 4.33
N CYS A 151 -0.30 7.64 3.19
CA CYS A 151 -0.39 9.05 2.82
C CYS A 151 -1.78 9.46 2.40
N ALA A 152 -2.69 8.51 2.20
CA ALA A 152 -4.08 8.82 1.90
C ALA A 152 -4.93 8.98 3.14
N LEU A 153 -4.56 8.30 4.23
CA LEU A 153 -5.34 8.37 5.45
C LEU A 153 -5.19 9.74 6.10
N PRO A 154 -6.26 10.29 6.67
CA PRO A 154 -6.13 11.53 7.44
C PRO A 154 -5.24 11.32 8.66
N PRO A 155 -4.66 12.38 9.21
CA PRO A 155 -3.67 12.20 10.29
C PRO A 155 -4.22 11.48 11.51
N ASP A 156 -5.52 11.61 11.80
CA ASP A 156 -6.10 10.97 12.97
C ASP A 156 -6.34 9.47 12.78
N LEU A 157 -6.01 8.91 11.62
CA LEU A 157 -6.13 7.48 11.35
C LEU A 157 -4.79 6.78 11.24
N ARG A 158 -3.67 7.48 11.48
CA ARG A 158 -2.36 6.85 11.33
C ARG A 158 -2.07 5.89 12.48
N ALA A 159 -2.49 6.22 13.70
CA ALA A 159 -2.28 5.36 14.85
C ALA A 159 -3.09 4.06 14.71
N PRO A 160 -4.37 4.12 14.33
CA PRO A 160 -5.08 2.86 14.03
C PRO A 160 -4.47 2.10 12.87
N TRP A 161 -3.88 2.81 11.91
CA TRP A 161 -3.20 2.15 10.79
C TRP A 161 -2.05 1.30 11.30
N GLY A 162 -1.19 1.87 12.14
CA GLY A 162 -0.10 1.10 12.71
C GLY A 162 -0.57 0.03 13.66
N ALA A 163 -1.67 0.27 14.38
CA ALA A 163 -2.23 -0.74 15.26
C ALA A 163 -2.76 -1.93 14.45
N ARG A 164 -3.41 -1.66 13.32
CA ARG A 164 -3.88 -2.75 12.47
C ARG A 164 -2.73 -3.47 11.78
N MET A 165 -1.64 -2.75 11.47
CA MET A 165 -0.48 -3.38 10.87
C MET A 165 0.22 -4.32 11.83
N ARG A 166 0.16 -4.03 13.14
CA ARG A 166 0.82 -4.88 14.12
C ARG A 166 0.18 -6.27 14.19
N GLU A 167 -1.12 -6.36 13.96
CA GLU A 167 -1.82 -7.63 14.02
C GLU A 167 -1.91 -8.33 12.67
N LEU A 168 -1.85 -7.57 11.57
CA LEU A 168 -1.95 -8.17 10.24
C LEU A 168 -0.67 -8.88 9.83
N VAL A 169 0.48 -8.37 10.27
CA VAL A 169 1.77 -8.96 9.92
C VAL A 169 2.13 -9.98 11.00
N ARG A 170 2.37 -11.23 10.57
CA ARG A 170 2.78 -12.26 11.49
C ARG A 170 4.14 -11.93 12.09
N PRO A 171 4.45 -12.46 13.28
CA PRO A 171 5.78 -12.28 13.85
C PRO A 171 6.85 -12.84 12.90
N GLY A 172 7.90 -12.05 12.69
CA GLY A 172 8.90 -12.38 11.70
C GLY A 172 8.52 -11.99 10.28
N GLY A 173 7.31 -11.49 10.07
CA GLY A 173 6.88 -11.05 8.76
C GLY A 173 7.53 -9.73 8.37
N THR A 174 7.16 -9.25 7.19
CA THR A 174 7.75 -8.05 6.62
C THR A 174 6.66 -7.08 6.22
N LEU A 175 6.86 -5.80 6.54
CA LEU A 175 6.00 -4.71 6.07
C LEU A 175 6.86 -3.75 5.28
N ILE A 176 6.62 -3.68 3.98
CA ILE A 176 7.33 -2.75 3.09
C ILE A 176 6.48 -1.50 2.95
N THR A 177 7.07 -0.34 3.22
CA THR A 177 6.38 0.94 3.15
C THR A 177 7.17 1.86 2.23
N LEU A 178 6.65 2.10 1.04
CA LEU A 178 7.21 3.11 0.13
C LEU A 178 6.69 4.46 0.59
N VAL A 179 7.50 5.13 1.42
CA VAL A 179 7.09 6.40 2.02
C VAL A 179 7.07 7.46 0.93
N TYR A 180 5.86 7.90 0.54
CA TYR A 180 5.68 8.89 -0.50
C TYR A 180 4.30 9.51 -0.29
N PRO A 181 4.15 10.84 -0.42
CA PRO A 181 5.17 11.83 -0.77
C PRO A 181 5.86 12.45 0.45
N ILE A 182 7.19 12.50 0.43
CA ILE A 182 7.95 13.18 1.48
C ILE A 182 8.14 14.61 1.00
N ASP A 183 7.11 15.43 1.22
CA ASP A 183 7.07 16.79 0.71
C ASP A 183 7.41 17.84 1.77
N GLY A 184 7.42 17.48 3.04
CA GLY A 184 7.81 18.41 4.10
C GLY A 184 6.62 18.92 4.89
N ALA A 185 6.51 20.24 5.02
CA ALA A 185 5.49 20.88 5.84
C ALA A 185 4.20 21.16 5.08
N ARG A 186 4.00 20.51 3.94
CA ARG A 186 2.77 20.72 3.18
C ARG A 186 1.57 20.20 3.97
N SER A 187 0.66 21.11 4.34
CA SER A 187 -0.46 20.78 5.20
C SER A 187 -1.71 20.37 4.42
N GLY A 188 -1.56 20.02 3.14
CA GLY A 188 -2.70 19.65 2.34
C GLY A 188 -3.27 18.29 2.72
N GLY A 189 -4.48 18.04 2.22
CA GLY A 189 -5.14 16.77 2.44
C GLY A 189 -4.50 15.65 1.64
N PRO A 190 -5.31 14.70 1.17
CA PRO A 190 -4.78 13.61 0.35
C PRO A 190 -4.20 14.14 -0.95
N PRO A 191 -2.94 13.81 -1.26
CA PRO A 191 -2.00 12.97 -0.50
C PRO A 191 -1.27 13.73 0.60
N TYR A 192 -1.29 13.22 1.83
CA TYR A 192 -0.66 13.93 2.94
C TYR A 192 0.86 13.80 2.86
N SER A 193 1.55 14.87 3.26
CA SER A 193 3.00 14.85 3.31
C SER A 193 3.44 14.05 4.53
N ILE A 194 4.20 12.98 4.29
CA ILE A 194 4.62 12.07 5.34
C ILE A 194 6.14 11.93 5.30
N ASP A 195 6.69 11.36 6.37
CA ASP A 195 8.09 11.02 6.44
C ASP A 195 8.24 9.69 7.19
N VAL A 196 9.47 9.20 7.24
CA VAL A 196 9.72 7.93 7.94
C VAL A 196 9.39 8.06 9.42
N GLN A 197 9.53 9.26 9.98
CA GLN A 197 9.22 9.46 11.40
C GLN A 197 7.74 9.24 11.67
N LYS A 198 6.86 9.75 10.80
CA LYS A 198 5.43 9.57 10.99
C LYS A 198 5.04 8.10 10.86
N VAL A 199 5.70 7.36 9.96
CA VAL A 199 5.44 5.93 9.84
C VAL A 199 5.98 5.19 11.06
N THR A 200 7.13 5.65 11.59
CA THR A 200 7.71 5.00 12.76
C THR A 200 6.84 5.19 13.99
N ASP A 201 6.31 6.40 14.20
CA ASP A 201 5.49 6.67 15.37
C ASP A 201 4.19 5.87 15.32
N ALA A 202 3.60 5.72 14.14
CA ALA A 202 2.35 4.98 14.01
C ALA A 202 2.56 3.49 14.22
N LEU A 203 3.70 2.95 13.75
CA LEU A 203 3.93 1.52 13.83
C LEU A 203 4.33 1.09 15.23
N GLN A 204 5.09 1.92 15.95
CA GLN A 204 5.62 1.57 17.26
C GLN A 204 4.82 2.17 18.40
N GLY A 205 3.63 2.70 18.13
CA GLY A 205 2.75 3.22 19.18
C GLY A 205 3.36 4.34 20.00
N GLY A 214 11.77 0.16 18.90
CA GLY A 214 11.99 -1.27 19.01
C GLY A 214 10.89 -1.98 19.78
N LYS A 215 9.75 -1.32 19.92
CA LYS A 215 8.64 -1.92 20.64
C LYS A 215 8.06 -3.12 19.89
N TYR A 216 7.50 -2.87 18.71
CA TYR A 216 6.83 -3.91 17.93
C TYR A 216 7.49 -4.22 16.59
N TRP A 217 8.33 -3.33 16.07
CA TRP A 217 8.93 -3.50 14.75
C TRP A 217 10.44 -3.30 14.82
N THR A 218 11.11 -3.72 13.74
CA THR A 218 12.53 -3.46 13.55
C THR A 218 12.73 -2.93 12.14
N LYS A 219 13.29 -1.72 12.03
CA LYS A 219 13.53 -1.08 10.75
C LYS A 219 14.77 -1.70 10.13
N VAL A 220 14.58 -2.80 9.41
CA VAL A 220 15.71 -3.54 8.84
C VAL A 220 16.38 -2.73 7.73
N LEU A 221 15.59 -2.00 6.94
CA LEU A 221 16.11 -1.30 5.77
C LEU A 221 15.41 0.05 5.65
N ASP A 222 16.21 1.11 5.43
CA ASP A 222 15.70 2.45 5.18
C ASP A 222 16.60 3.07 4.12
N ILE A 223 16.17 3.04 2.87
CA ILE A 223 17.03 3.39 1.74
C ILE A 223 16.34 4.42 0.86
N VAL A 224 17.16 5.17 0.13
CA VAL A 224 16.68 6.02 -0.96
C VAL A 224 16.75 5.19 -2.24
N PRO A 225 15.64 4.98 -2.94
CA PRO A 225 15.66 4.10 -4.12
C PRO A 225 16.52 4.69 -5.24
N GLN A 226 17.30 3.81 -5.86
CA GLN A 226 18.13 4.24 -6.99
C GLN A 226 17.28 4.65 -8.18
N THR A 227 16.29 3.82 -8.53
CA THR A 227 15.41 4.06 -9.66
C THR A 227 14.05 4.48 -9.14
N SER A 228 13.82 5.79 -9.08
CA SER A 228 12.54 6.36 -8.71
C SER A 228 11.86 6.96 -9.94
N SER A 229 10.54 7.05 -9.86
CA SER A 229 9.81 7.81 -10.87
C SER A 229 10.28 9.25 -10.83
N PRO A 230 10.28 9.94 -11.99
CA PRO A 230 10.90 11.29 -12.02
C PRO A 230 10.21 12.29 -11.11
N ASP A 231 8.89 12.22 -10.98
CA ASP A 231 8.20 13.08 -10.02
C ASP A 231 8.39 12.61 -8.59
N HIS A 232 8.84 11.37 -8.39
CA HIS A 232 9.08 10.83 -7.06
C HIS A 232 10.48 11.13 -6.53
N VAL A 233 11.38 11.62 -7.39
CA VAL A 233 12.78 11.80 -7.00
C VAL A 233 12.86 12.85 -5.89
N GLY A 234 13.56 12.50 -4.80
CA GLY A 234 13.73 13.39 -3.68
C GLY A 234 12.55 13.47 -2.74
N ARG A 235 11.48 12.73 -2.99
CA ARG A 235 10.29 12.78 -2.15
C ARG A 235 9.82 11.38 -1.78
N GLU A 236 10.75 10.41 -1.70
CA GLU A 236 10.34 9.03 -1.54
C GLU A 236 11.47 8.21 -0.94
N ARG A 237 11.13 7.36 0.03
CA ARG A 237 12.06 6.43 0.66
C ARG A 237 11.39 5.07 0.80
N LEU A 238 12.14 4.02 0.53
CA LEU A 238 11.67 2.66 0.73
C LEU A 238 12.17 2.15 2.07
N VAL A 239 11.24 1.79 2.94
CA VAL A 239 11.55 1.33 4.30
C VAL A 239 10.97 -0.06 4.49
N VAL A 240 11.79 -0.98 5.00
CA VAL A 240 11.40 -2.36 5.22
C VAL A 240 11.36 -2.60 6.73
N TRP A 241 10.20 -3.03 7.23
CA TRP A 241 10.00 -3.30 8.64
C TRP A 241 9.79 -4.79 8.87
N GLU A 242 10.36 -5.31 9.95
CA GLU A 242 10.14 -6.68 10.37
C GLU A 242 9.33 -6.68 11.66
N ARG A 243 8.30 -7.52 11.71
CA ARG A 243 7.48 -7.67 12.91
C ARG A 243 8.22 -8.53 13.92
N ILE A 244 8.45 -7.99 15.12
CA ILE A 244 9.12 -8.72 16.19
C ILE A 244 8.13 -8.96 17.32
N ASN A 245 8.60 -9.59 18.39
CA ASN A 245 7.75 -9.87 19.55
C ASN A 245 7.95 -8.82 20.64
N SFG B . -2.36 2.23 -3.83
CA SFG B . -3.27 2.91 -4.76
C SFG B . -2.58 3.14 -6.17
O SFG B . -3.31 3.37 -7.16
OXT SFG B . -1.34 3.07 -6.19
CB SFG B . -3.71 4.26 -4.16
CG SFG B . -5.20 4.44 -4.29
CD SFG B . -5.71 5.71 -3.60
NE SFG B . -4.70 6.75 -3.66
C5' SFG B . -6.09 5.27 -2.18
C4' SFG B . -6.88 3.97 -2.10
O4' SFG B . -7.07 3.60 -0.75
C3' SFG B . -8.29 4.20 -2.73
O3' SFG B . -8.47 3.23 -3.70
C2' SFG B . -9.24 4.03 -1.53
O2' SFG B . -10.40 3.40 -1.95
C1' SFG B . -8.36 3.11 -0.63
N9 SFG B . -8.78 3.21 0.75
C8 SFG B . -9.09 4.36 1.54
N7 SFG B . -9.45 4.05 2.78
C5 SFG B . -9.40 2.64 2.82
C6 SFG B . -9.67 1.70 3.84
N6 SFG B . -10.06 2.10 5.07
N1 SFG B . -9.52 0.35 3.58
C2 SFG B . -9.12 0.01 2.32
N3 SFG B . -8.83 0.79 1.26
C4 SFG B . -8.99 2.12 1.57
C1 A1IRH C . -2.14 11.46 -5.17
C2 A1IRH C . -3.46 11.86 -4.90
C3 A1IRH C . -1.60 10.42 -4.42
C4 A1IRH C . -4.18 11.24 -3.91
C5 A1IRH C . -3.63 10.20 -3.18
C6 A1IRH C . -0.18 9.91 -4.65
C7 A1IRH C . -4.45 9.53 -2.09
C8 A1IRH C . -2.32 9.80 -3.44
C9 A1IRH C . -4.16 12.99 -5.66
O1 A1IRH C . -0.69 11.29 -7.51
O2 A1IRH C . -1.66 13.36 -7.22
O3 A1IRH C . 0.16 12.77 -5.94
S1 A1IRH C . -1.10 12.22 -6.46
#